data_1IK6
#
_entry.id   1IK6
#
_cell.length_a   65.241
_cell.length_b   84.543
_cell.length_c   131.380
_cell.angle_alpha   90.00
_cell.angle_beta   90.00
_cell.angle_gamma   90.00
#
_symmetry.space_group_name_H-M   'I 2 2 2'
#
loop_
_entity.id
_entity.type
_entity.pdbx_description
1 polymer 'pyruvate dehydrogenase'
2 water water
#
_entity_poly.entity_id   1
_entity_poly.type   'polypeptide(L)'
_entity_poly.pdbx_seq_one_letter_code
;HHHHHHSSGLVPRGSGMKETAAAKFERNHMDSPDLGTDDDDKMVAGVVMMANMAKAINMALHEEMERDERVVVLGEDVGK
KGGVFLVTEGLYERFGPERVIDTPLNEGGILGFAMGMAMAGLKPVAEIQFVDFIWLGADELLNHIAKLRYRSGGNYKAPL
VVRTPVGSGTRGGLYHSNSPEAIFVHTPGLVVVMPSTPYNAKGLLKAAIRGDDPVVFLEPKILYRAPREEVPEGDYVVEI
GKARVAREGDDVTLVTYGAVVHKALEAAERVKASVEVVDLQTLNPLDFDTVLKSVSKTGRLIIAHDSPKTGGLGAEVRAL
VAEKALDRLTAPVIRLAGPDVPQSPIAADAAYAPTVERIIKAIEYVMRY
;
_entity_poly.pdbx_strand_id   A
#
# COMPACT_ATOMS: atom_id res chain seq x y z
N VAL A 44 2.97 10.58 -17.43
CA VAL A 44 1.62 10.83 -18.02
C VAL A 44 1.70 10.93 -19.54
N ALA A 45 2.47 11.88 -20.06
CA ALA A 45 2.59 11.99 -21.51
C ALA A 45 3.45 10.84 -22.02
N GLY A 46 3.11 10.30 -23.18
CA GLY A 46 3.94 9.25 -23.74
C GLY A 46 3.38 7.86 -23.88
N VAL A 47 4.29 6.96 -24.17
CA VAL A 47 3.98 5.56 -24.35
C VAL A 47 3.42 4.95 -23.07
N VAL A 48 2.50 4.00 -23.25
CA VAL A 48 1.91 3.31 -22.12
C VAL A 48 2.07 1.81 -22.32
N MET A 49 2.05 1.08 -21.23
CA MET A 49 2.14 -0.37 -21.26
C MET A 49 0.77 -0.80 -20.77
N MET A 50 0.26 -1.92 -21.28
CA MET A 50 -1.00 -2.47 -20.81
C MET A 50 -0.38 -3.43 -19.79
N ALA A 51 -0.33 -3.03 -18.53
CA ALA A 51 0.36 -3.84 -17.53
C ALA A 51 -0.44 -4.28 -16.32
N ASN A 52 -0.08 -5.45 -15.78
CA ASN A 52 -0.71 -5.92 -14.54
C ASN A 52 0.23 -5.36 -13.46
N MET A 53 -0.08 -5.60 -12.19
CA MET A 53 0.75 -5.06 -11.13
C MET A 53 2.23 -5.49 -11.16
N ALA A 54 2.50 -6.75 -11.48
CA ALA A 54 3.88 -7.22 -11.51
C ALA A 54 4.69 -6.46 -12.56
N LYS A 55 4.09 -6.27 -13.73
CA LYS A 55 4.77 -5.55 -14.78
C LYS A 55 5.01 -4.09 -14.35
N ALA A 56 4.04 -3.49 -13.68
CA ALA A 56 4.17 -2.10 -13.23
C ALA A 56 5.29 -1.92 -12.22
N ILE A 57 5.46 -2.91 -11.33
CA ILE A 57 6.52 -2.84 -10.33
C ILE A 57 7.84 -3.03 -11.08
N ASN A 58 7.83 -3.95 -12.04
CA ASN A 58 9.02 -4.20 -12.85
C ASN A 58 9.41 -2.89 -13.56
N MET A 59 8.41 -2.17 -14.05
CA MET A 59 8.70 -0.88 -14.71
C MET A 59 9.30 0.14 -13.71
N ALA A 60 8.70 0.27 -12.53
CA ALA A 60 9.23 1.24 -11.56
C ALA A 60 10.69 0.95 -11.21
N LEU A 61 11.01 -0.32 -10.97
CA LEU A 61 12.38 -0.69 -10.62
C LEU A 61 13.32 -0.39 -11.77
N HIS A 62 12.96 -0.82 -12.98
CA HIS A 62 13.80 -0.55 -14.13
C HIS A 62 14.02 0.95 -14.25
N GLU A 63 12.93 1.73 -14.16
CA GLU A 63 13.03 3.19 -14.30
C GLU A 63 13.84 3.87 -13.22
N GLU A 64 13.60 3.51 -11.96
CA GLU A 64 14.34 4.15 -10.89
C GLU A 64 15.83 3.81 -10.94
N MET A 65 16.15 2.60 -11.39
CA MET A 65 17.53 2.17 -11.51
C MET A 65 18.23 2.86 -12.67
N GLU A 66 17.54 3.00 -13.80
CA GLU A 66 18.12 3.70 -14.94
C GLU A 66 18.34 5.14 -14.51
N ARG A 67 17.37 5.66 -13.76
CA ARG A 67 17.39 7.04 -13.28
C ARG A 67 18.44 7.42 -12.25
N ASP A 68 18.75 6.53 -11.31
CA ASP A 68 19.69 6.87 -10.26
C ASP A 68 20.58 5.67 -10.01
N GLU A 69 21.86 5.82 -10.36
CA GLU A 69 22.84 4.77 -10.21
C GLU A 69 22.87 4.22 -8.79
N ARG A 70 22.41 5.02 -7.84
CA ARG A 70 22.40 4.61 -6.44
C ARG A 70 21.36 3.55 -6.10
N VAL A 71 20.30 3.45 -6.89
CA VAL A 71 19.25 2.46 -6.58
C VAL A 71 19.70 1.04 -6.83
N VAL A 72 19.58 0.19 -5.83
CA VAL A 72 19.99 -1.20 -6.00
C VAL A 72 18.86 -2.10 -5.55
N VAL A 73 18.85 -3.31 -6.10
CA VAL A 73 17.81 -4.28 -5.81
C VAL A 73 18.49 -5.48 -5.18
N LEU A 74 17.89 -6.04 -4.14
CA LEU A 74 18.48 -7.20 -3.51
C LEU A 74 17.52 -8.19 -2.94
N GLY A 75 18.06 -9.36 -2.65
CA GLY A 75 17.26 -10.38 -2.02
C GLY A 75 17.70 -11.75 -2.45
N GLU A 76 17.02 -12.75 -1.94
CA GLU A 76 17.31 -14.12 -2.29
C GLU A 76 16.76 -14.38 -3.71
N LEU A 86 8.42 -12.82 -13.10
CA LEU A 86 9.11 -12.19 -11.94
C LEU A 86 9.12 -10.67 -12.05
N VAL A 87 8.93 -10.04 -10.89
CA VAL A 87 8.89 -8.59 -10.76
C VAL A 87 10.26 -7.96 -11.01
N THR A 88 11.31 -8.78 -10.92
CA THR A 88 12.68 -8.32 -11.13
C THR A 88 13.23 -8.77 -12.49
N GLU A 89 12.34 -9.15 -13.40
CA GLU A 89 12.82 -9.60 -14.71
C GLU A 89 13.66 -8.57 -15.46
N GLY A 90 14.75 -9.04 -16.06
CA GLY A 90 15.63 -8.18 -16.84
C GLY A 90 16.57 -7.24 -16.09
N LEU A 91 16.36 -7.01 -14.80
CA LEU A 91 17.24 -6.09 -14.07
C LEU A 91 18.70 -6.58 -14.04
N TYR A 92 18.90 -7.83 -13.72
CA TYR A 92 20.23 -8.40 -13.64
C TYR A 92 21.00 -8.22 -14.96
N GLU A 93 20.43 -8.73 -16.05
CA GLU A 93 21.12 -8.60 -17.32
C GLU A 93 21.23 -7.16 -17.78
N ARG A 94 20.56 -6.24 -17.11
CA ARG A 94 20.67 -4.85 -17.55
C ARG A 94 21.53 -3.97 -16.64
N PHE A 95 21.56 -4.28 -15.36
CA PHE A 95 22.32 -3.44 -14.44
C PHE A 95 23.50 -4.14 -13.80
N GLY A 96 23.51 -5.48 -13.86
CA GLY A 96 24.64 -6.22 -13.33
C GLY A 96 24.67 -6.58 -11.84
N PRO A 97 25.63 -7.47 -11.48
CA PRO A 97 25.92 -8.02 -10.15
C PRO A 97 26.08 -7.06 -8.99
N GLU A 98 26.52 -5.84 -9.27
CA GLU A 98 26.72 -4.87 -8.20
C GLU A 98 25.50 -3.97 -7.96
N ARG A 99 24.50 -4.11 -8.82
CA ARG A 99 23.27 -3.31 -8.71
C ARG A 99 22.12 -4.23 -8.40
N VAL A 100 22.24 -5.48 -8.84
CA VAL A 100 21.18 -6.48 -8.64
C VAL A 100 21.92 -7.53 -7.85
N ILE A 101 21.72 -7.49 -6.54
CA ILE A 101 22.45 -8.38 -5.64
C ILE A 101 21.69 -9.50 -4.97
N ASP A 102 22.12 -10.72 -5.29
CA ASP A 102 21.57 -11.91 -4.70
C ASP A 102 22.20 -11.95 -3.29
N THR A 103 21.39 -11.82 -2.26
CA THR A 103 21.88 -11.81 -0.89
C THR A 103 21.60 -13.15 -0.22
N PRO A 104 22.61 -14.01 -0.12
CA PRO A 104 22.44 -15.33 0.51
C PRO A 104 22.46 -15.25 2.03
N LEU A 105 21.63 -14.38 2.61
CA LEU A 105 21.57 -14.22 4.07
C LEU A 105 20.14 -14.49 4.52
N ASN A 106 19.93 -14.53 5.84
CA ASN A 106 18.57 -14.74 6.35
C ASN A 106 17.97 -13.34 6.34
N GLU A 107 16.66 -13.23 6.59
CA GLU A 107 15.98 -11.95 6.52
C GLU A 107 16.64 -10.81 7.27
N GLY A 108 17.07 -11.08 8.49
CA GLY A 108 17.71 -10.04 9.25
C GLY A 108 19.00 -9.62 8.56
N GLY A 109 19.76 -10.60 8.10
CA GLY A 109 21.00 -10.31 7.40
C GLY A 109 20.73 -9.41 6.18
N ILE A 110 19.71 -9.78 5.40
CA ILE A 110 19.36 -8.98 4.21
C ILE A 110 19.00 -7.57 4.65
N LEU A 111 18.17 -7.45 5.69
CA LEU A 111 17.80 -6.14 6.20
C LEU A 111 19.04 -5.37 6.62
N GLY A 112 19.93 -6.05 7.35
CA GLY A 112 21.15 -5.39 7.79
C GLY A 112 21.94 -4.99 6.56
N PHE A 113 22.01 -5.91 5.60
CA PHE A 113 22.74 -5.69 4.36
C PHE A 113 22.19 -4.46 3.65
N ALA A 114 20.87 -4.41 3.49
CA ALA A 114 20.25 -3.25 2.83
C ALA A 114 20.59 -1.97 3.59
N MET A 115 20.52 -2.03 4.91
CA MET A 115 20.85 -0.88 5.76
C MET A 115 22.29 -0.47 5.55
N GLY A 116 23.17 -1.46 5.41
CA GLY A 116 24.58 -1.16 5.18
C GLY A 116 24.75 -0.48 3.83
N MET A 117 24.03 -0.96 2.83
CA MET A 117 24.17 -0.30 1.54
C MET A 117 23.67 1.13 1.63
N ALA A 118 22.59 1.35 2.37
CA ALA A 118 22.04 2.71 2.52
C ALA A 118 23.03 3.64 3.22
N MET A 119 23.62 3.16 4.31
CA MET A 119 24.58 3.96 5.05
C MET A 119 25.76 4.29 4.15
N ALA A 120 26.00 3.43 3.17
CA ALA A 120 27.09 3.63 2.22
C ALA A 120 26.72 4.62 1.12
N GLY A 121 25.50 5.15 1.17
CA GLY A 121 25.07 6.12 0.17
C GLY A 121 24.22 5.58 -0.97
N LEU A 122 23.73 4.36 -0.84
CA LEU A 122 22.91 3.81 -1.91
C LEU A 122 21.44 3.77 -1.49
N LYS A 123 20.56 3.49 -2.47
CA LYS A 123 19.13 3.43 -2.24
C LYS A 123 18.64 2.02 -2.57
N PRO A 124 18.68 1.13 -1.57
CA PRO A 124 18.28 -0.25 -1.70
C PRO A 124 16.79 -0.55 -1.65
N VAL A 125 16.42 -1.56 -2.41
CA VAL A 125 15.05 -2.06 -2.47
C VAL A 125 15.26 -3.53 -2.24
N ALA A 126 14.88 -4.01 -1.05
CA ALA A 126 15.05 -5.41 -0.71
C ALA A 126 13.73 -6.15 -0.69
N GLU A 127 13.73 -7.39 -1.15
CA GLU A 127 12.50 -8.17 -1.07
C GLU A 127 12.62 -9.06 0.17
N ILE A 128 11.64 -8.96 1.07
CA ILE A 128 11.61 -9.77 2.29
C ILE A 128 10.15 -10.10 2.59
N GLN A 129 9.84 -11.39 2.63
CA GLN A 129 8.49 -11.86 2.89
C GLN A 129 8.09 -11.81 4.35
N PHE A 130 9.11 -11.85 5.22
CA PHE A 130 8.93 -11.80 6.67
C PHE A 130 8.27 -13.04 7.22
N VAL A 131 8.74 -14.20 6.77
CA VAL A 131 8.18 -15.49 7.18
C VAL A 131 8.88 -16.15 8.36
N LEU A 136 10.92 -12.30 12.66
CA LEU A 136 11.36 -12.71 11.29
C LEU A 136 12.20 -11.63 10.56
N GLY A 137 12.11 -10.39 11.03
CA GLY A 137 12.89 -9.31 10.44
C GLY A 137 12.27 -8.03 10.92
N ALA A 138 11.00 -8.15 11.28
CA ALA A 138 10.20 -7.03 11.79
C ALA A 138 10.85 -6.42 13.00
N ASP A 139 11.38 -7.30 13.86
CA ASP A 139 12.04 -6.87 15.07
C ASP A 139 13.08 -5.81 14.70
N GLU A 140 13.97 -6.16 13.77
CA GLU A 140 14.99 -5.21 13.33
C GLU A 140 14.43 -3.95 12.64
N LEU A 141 13.49 -4.15 11.72
CA LEU A 141 12.92 -3.00 11.00
C LEU A 141 12.24 -2.02 11.96
N LEU A 142 11.39 -2.56 12.82
CA LEU A 142 10.65 -1.72 13.77
C LEU A 142 11.55 -0.90 14.66
N ASN A 143 12.64 -1.51 15.12
CA ASN A 143 13.60 -0.81 15.99
C ASN A 143 14.24 0.35 15.24
N HIS A 144 14.66 0.10 14.01
CA HIS A 144 15.29 1.15 13.20
C HIS A 144 14.31 2.31 13.02
N ILE A 145 13.07 1.97 12.72
CA ILE A 145 12.02 2.99 12.52
C ILE A 145 11.79 3.79 13.79
N ALA A 146 11.73 3.10 14.93
CA ALA A 146 11.52 3.77 16.20
C ALA A 146 12.69 4.73 16.43
N LYS A 147 13.90 4.25 16.23
CA LYS A 147 15.10 5.08 16.41
C LYS A 147 14.98 6.34 15.54
N LEU A 148 14.69 6.16 14.25
CA LEU A 148 14.55 7.30 13.35
C LEU A 148 13.46 8.23 13.90
N ARG A 149 12.32 7.65 14.23
CA ARG A 149 11.21 8.42 14.78
C ARG A 149 11.66 9.20 16.00
N TYR A 150 12.13 8.46 17.00
CA TYR A 150 12.61 9.03 18.27
C TYR A 150 13.64 10.15 18.13
N LYS A 157 19.12 7.36 10.11
CA LYS A 157 19.01 7.33 8.62
C LYS A 157 18.71 5.90 8.13
N ALA A 158 17.69 5.76 7.27
CA ALA A 158 17.32 4.45 6.75
C ALA A 158 16.53 4.54 5.45
N PRO A 159 17.13 5.08 4.37
CA PRO A 159 16.42 5.21 3.09
C PRO A 159 16.32 3.87 2.38
N LEU A 160 15.48 2.99 2.89
CA LEU A 160 15.34 1.70 2.24
C LEU A 160 13.90 1.36 1.93
N VAL A 161 13.73 0.48 0.97
CA VAL A 161 12.42 0.00 0.59
C VAL A 161 12.45 -1.50 0.67
N VAL A 162 11.49 -2.05 1.40
CA VAL A 162 11.37 -3.48 1.53
C VAL A 162 10.08 -3.86 0.84
N ARG A 163 10.20 -4.67 -0.20
CA ARG A 163 9.04 -5.12 -0.92
C ARG A 163 8.68 -6.43 -0.26
N THR A 164 7.40 -6.59 0.07
CA THR A 164 6.98 -7.84 0.69
C THR A 164 5.64 -8.25 0.16
N PRO A 165 5.61 -9.39 -0.56
CA PRO A 165 4.41 -9.97 -1.14
C PRO A 165 3.44 -10.35 -0.02
N VAL A 166 2.14 -10.07 -0.19
CA VAL A 166 1.14 -10.45 0.82
C VAL A 166 -0.01 -11.19 0.18
N GLY A 167 -0.49 -12.22 0.88
CA GLY A 167 -1.57 -13.03 0.34
C GLY A 167 -2.95 -12.69 0.85
N SER A 179 0.82 -11.61 9.87
CA SER A 179 0.59 -10.69 8.72
C SER A 179 1.64 -9.59 8.76
N PRO A 180 2.39 -9.42 7.67
CA PRO A 180 3.38 -8.36 7.73
C PRO A 180 2.70 -7.01 7.91
N GLU A 181 1.48 -6.88 7.43
CA GLU A 181 0.76 -5.62 7.57
C GLU A 181 0.56 -5.26 9.05
N ALA A 182 -0.12 -6.17 9.75
CA ALA A 182 -0.41 -6.01 11.17
C ALA A 182 0.85 -5.59 11.95
N ILE A 183 1.95 -6.27 11.69
CA ILE A 183 3.17 -5.99 12.41
C ILE A 183 3.82 -4.63 12.11
N PHE A 184 3.50 -4.02 10.98
CA PHE A 184 4.13 -2.76 10.64
C PHE A 184 3.28 -1.52 10.57
N VAL A 185 2.00 -1.72 10.27
CA VAL A 185 1.08 -0.61 10.04
C VAL A 185 0.99 0.41 11.15
N HIS A 186 1.23 -0.02 12.40
CA HIS A 186 1.13 0.90 13.53
C HIS A 186 2.48 1.38 14.04
N THR A 187 3.55 1.06 13.32
CA THR A 187 4.87 1.47 13.75
C THR A 187 5.23 2.91 13.48
N PRO A 188 5.62 3.64 14.53
CA PRO A 188 6.01 5.05 14.42
C PRO A 188 7.32 5.16 13.62
N GLY A 189 7.40 6.15 12.74
CA GLY A 189 8.61 6.32 11.96
C GLY A 189 8.76 5.38 10.78
N LEU A 190 7.82 4.47 10.59
CA LEU A 190 7.90 3.54 9.46
C LEU A 190 6.83 3.91 8.42
N VAL A 191 7.19 3.99 7.15
CA VAL A 191 6.14 4.25 6.15
C VAL A 191 5.68 2.88 5.63
N VAL A 192 4.38 2.68 5.57
CA VAL A 192 3.79 1.44 5.07
C VAL A 192 2.77 1.79 3.96
N VAL A 193 2.99 1.24 2.77
CA VAL A 193 2.10 1.51 1.65
C VAL A 193 1.67 0.18 1.02
N MET A 194 0.51 0.21 0.38
CA MET A 194 0.01 -0.97 -0.30
C MET A 194 -0.70 -0.55 -1.57
N PRO A 195 -0.15 -0.87 -2.75
CA PRO A 195 -0.84 -0.47 -3.98
C PRO A 195 -2.11 -1.30 -4.27
N SER A 196 -2.96 -0.82 -5.17
CA SER A 196 -4.19 -1.50 -5.55
C SER A 196 -4.36 -1.61 -7.08
N THR A 197 -3.57 -0.83 -7.83
CA THR A 197 -3.67 -0.84 -9.30
C THR A 197 -2.29 -0.85 -9.91
N PRO A 198 -2.20 -1.18 -11.21
CA PRO A 198 -0.88 -1.19 -11.80
C PRO A 198 -0.38 0.24 -11.75
N TYR A 199 -1.30 1.19 -11.96
CA TYR A 199 -0.93 2.58 -11.96
C TYR A 199 -0.32 3.03 -10.64
N ASN A 200 -0.99 2.80 -9.51
CA ASN A 200 -0.34 3.25 -8.26
C ASN A 200 0.74 2.32 -7.75
N ALA A 201 0.79 1.10 -8.28
CA ALA A 201 1.87 0.19 -7.87
C ALA A 201 3.15 0.87 -8.39
N LYS A 202 3.14 1.26 -9.67
CA LYS A 202 4.32 1.94 -10.22
C LYS A 202 4.56 3.28 -9.50
N GLY A 203 3.54 4.11 -9.44
CA GLY A 203 3.65 5.41 -8.83
C GLY A 203 4.15 5.43 -7.39
N LEU A 204 3.58 4.56 -6.54
CA LEU A 204 3.97 4.50 -5.12
C LEU A 204 5.38 3.98 -4.92
N LEU A 205 5.77 2.98 -5.71
CA LEU A 205 7.11 2.41 -5.58
C LEU A 205 8.13 3.47 -5.95
N LYS A 206 7.86 4.22 -7.02
CA LYS A 206 8.78 5.26 -7.39
C LYS A 206 8.87 6.28 -6.26
N ALA A 207 7.74 6.67 -5.69
CA ALA A 207 7.75 7.66 -4.59
C ALA A 207 8.54 7.10 -3.38
N ALA A 208 8.32 5.83 -3.07
CA ALA A 208 8.99 5.19 -1.93
C ALA A 208 10.50 5.18 -2.11
N ILE A 209 10.92 4.78 -3.31
CA ILE A 209 12.33 4.71 -3.65
C ILE A 209 13.01 6.07 -3.57
N ARG A 210 12.35 7.09 -4.10
CA ARG A 210 12.92 8.43 -4.08
C ARG A 210 12.96 9.06 -2.70
N GLY A 211 12.04 8.69 -1.82
CA GLY A 211 12.00 9.26 -0.50
C GLY A 211 13.18 8.81 0.36
N ASP A 212 13.38 9.47 1.49
CA ASP A 212 14.48 9.09 2.36
C ASP A 212 13.98 8.30 3.57
N ASP A 213 12.67 8.10 3.63
CA ASP A 213 12.09 7.37 4.75
C ASP A 213 12.03 5.86 4.48
N PRO A 214 12.20 5.05 5.53
CA PRO A 214 12.14 3.60 5.37
C PRO A 214 10.69 3.25 5.07
N VAL A 215 10.50 2.39 4.09
CA VAL A 215 9.19 1.98 3.63
C VAL A 215 8.97 0.48 3.45
N VAL A 216 7.84 -0.02 3.93
CA VAL A 216 7.49 -1.40 3.67
C VAL A 216 6.42 -1.27 2.57
N PHE A 217 6.65 -1.96 1.45
CA PHE A 217 5.78 -1.94 0.28
C PHE A 217 5.09 -3.29 0.15
N LEU A 218 3.85 -3.36 0.63
CA LEU A 218 3.06 -4.59 0.62
C LEU A 218 2.43 -4.80 -0.77
N GLU A 219 2.77 -5.93 -1.40
CA GLU A 219 2.28 -6.23 -2.74
C GLU A 219 1.27 -7.37 -2.69
N PRO A 220 -0.01 -7.06 -2.94
CA PRO A 220 -1.05 -8.09 -2.90
C PRO A 220 -0.79 -9.08 -4.03
N LYS A 221 -0.27 -10.24 -3.66
CA LYS A 221 0.06 -11.28 -4.63
C LYS A 221 -1.09 -11.55 -5.57
N ILE A 222 -2.31 -11.48 -5.07
CA ILE A 222 -3.46 -11.77 -5.91
C ILE A 222 -3.62 -10.82 -7.09
N LEU A 223 -3.02 -9.63 -7.03
CA LEU A 223 -3.12 -8.65 -8.13
C LEU A 223 -1.95 -8.66 -9.11
N TYR A 224 -0.95 -9.52 -8.85
CA TYR A 224 0.22 -9.56 -9.71
C TYR A 224 -0.06 -9.77 -11.21
N ARG A 225 -0.94 -10.72 -11.52
CA ARG A 225 -1.23 -11.09 -12.90
C ARG A 225 -2.32 -10.33 -13.60
N ALA A 226 -3.31 -9.90 -12.83
CA ALA A 226 -4.42 -9.16 -13.37
C ALA A 226 -4.95 -8.32 -12.24
N PRO A 227 -5.70 -7.27 -12.58
CA PRO A 227 -6.05 -6.88 -13.95
C PRO A 227 -4.94 -6.10 -14.63
N ARG A 228 -5.07 -5.93 -15.94
CA ARG A 228 -4.09 -5.17 -16.70
C ARG A 228 -4.75 -3.84 -17.00
N GLU A 229 -3.98 -2.77 -16.92
CA GLU A 229 -4.50 -1.45 -17.22
C GLU A 229 -3.38 -0.63 -17.81
N GLU A 230 -3.76 0.50 -18.37
CA GLU A 230 -2.83 1.45 -18.98
C GLU A 230 -1.88 2.05 -17.96
N VAL A 231 -0.59 1.89 -18.19
CA VAL A 231 0.40 2.47 -17.28
C VAL A 231 1.44 3.28 -18.06
N PRO A 232 1.45 4.60 -17.89
CA PRO A 232 2.42 5.44 -18.61
C PRO A 232 3.83 4.97 -18.25
N GLU A 233 4.71 4.91 -19.24
CA GLU A 233 6.07 4.51 -18.98
C GLU A 233 6.84 5.73 -18.50
N GLY A 234 6.24 6.91 -18.61
CA GLY A 234 6.91 8.14 -18.23
C GLY A 234 7.15 8.32 -16.73
N ASP A 235 7.78 9.43 -16.40
CA ASP A 235 8.10 9.80 -15.03
C ASP A 235 6.93 10.37 -14.22
N TYR A 236 6.38 9.57 -13.32
CA TYR A 236 5.30 10.05 -12.46
C TYR A 236 5.37 9.24 -11.17
N VAL A 237 4.86 9.84 -10.08
CA VAL A 237 4.83 9.15 -8.80
C VAL A 237 3.45 9.36 -8.22
N VAL A 238 3.13 8.55 -7.22
CA VAL A 238 1.91 8.72 -6.50
C VAL A 238 2.49 9.06 -5.13
N GLU A 239 2.12 10.24 -4.65
CA GLU A 239 2.62 10.78 -3.39
C GLU A 239 2.36 9.93 -2.17
N ILE A 240 3.41 9.69 -1.39
CA ILE A 240 3.28 8.91 -0.16
C ILE A 240 2.45 9.69 0.86
N GLY A 241 1.59 8.98 1.59
CA GLY A 241 0.77 9.65 2.60
C GLY A 241 -0.54 10.26 2.09
N LYS A 242 -0.88 9.97 0.84
CA LYS A 242 -2.11 10.52 0.29
C LYS A 242 -3.09 9.45 -0.18
N ALA A 243 -4.32 9.50 0.33
CA ALA A 243 -5.36 8.56 -0.07
C ALA A 243 -5.99 9.15 -1.33
N ARG A 244 -6.72 8.33 -2.08
CA ARG A 244 -7.40 8.82 -3.28
C ARG A 244 -8.84 8.35 -3.31
N VAL A 245 -9.69 9.18 -3.91
CA VAL A 245 -11.09 8.84 -4.06
C VAL A 245 -11.15 8.05 -5.38
N ALA A 246 -11.27 6.74 -5.26
CA ALA A 246 -11.33 5.86 -6.43
C ALA A 246 -12.67 5.92 -7.17
N ARG A 247 -13.67 6.49 -6.50
CA ARG A 247 -15.00 6.63 -7.07
C ARG A 247 -15.74 7.64 -6.21
N GLU A 248 -16.18 8.74 -6.82
CA GLU A 248 -16.91 9.78 -6.11
C GLU A 248 -18.30 9.26 -5.73
N GLY A 249 -18.80 9.65 -4.56
CA GLY A 249 -20.13 9.21 -4.13
C GLY A 249 -20.54 10.08 -2.96
N ASP A 250 -21.83 10.19 -2.68
CA ASP A 250 -22.22 11.05 -1.56
C ASP A 250 -23.10 10.45 -0.49
N ASP A 251 -23.38 9.15 -0.55
CA ASP A 251 -24.21 8.52 0.48
C ASP A 251 -23.40 7.71 1.49
N VAL A 252 -22.33 7.09 1.02
CA VAL A 252 -21.52 6.24 1.88
C VAL A 252 -20.03 6.34 1.59
N THR A 253 -19.21 6.45 2.64
CA THR A 253 -17.77 6.47 2.46
C THR A 253 -17.32 5.02 2.71
N LEU A 254 -16.60 4.45 1.76
CA LEU A 254 -16.09 3.08 1.88
C LEU A 254 -14.56 3.17 1.80
N VAL A 255 -13.89 3.05 2.95
CA VAL A 255 -12.45 3.15 3.07
C VAL A 255 -11.83 1.79 2.88
N THR A 256 -10.94 1.69 1.91
CA THR A 256 -10.31 0.42 1.67
C THR A 256 -8.93 0.58 1.03
N TYR A 257 -8.31 -0.54 0.66
CA TYR A 257 -6.98 -0.53 0.04
C TYR A 257 -6.63 -1.92 -0.50
N GLY A 258 -5.54 -1.96 -1.27
CA GLY A 258 -5.10 -3.23 -1.85
C GLY A 258 -6.14 -3.91 -2.74
N ALA A 259 -6.18 -5.23 -2.66
CA ALA A 259 -7.11 -6.02 -3.48
C ALA A 259 -8.57 -5.68 -3.24
N VAL A 260 -8.92 -5.26 -2.03
CA VAL A 260 -10.31 -4.94 -1.76
C VAL A 260 -10.84 -3.69 -2.50
N VAL A 261 -9.97 -2.82 -2.98
CA VAL A 261 -10.46 -1.67 -3.71
C VAL A 261 -11.38 -2.13 -4.87
N HIS A 262 -10.94 -3.13 -5.62
CA HIS A 262 -11.73 -3.63 -6.74
C HIS A 262 -13.07 -4.21 -6.34
N LYS A 263 -13.09 -4.83 -5.18
CA LYS A 263 -14.33 -5.42 -4.69
C LYS A 263 -15.26 -4.29 -4.29
N ALA A 264 -14.70 -3.26 -3.66
CA ALA A 264 -15.49 -2.10 -3.24
C ALA A 264 -16.10 -1.44 -4.50
N LEU A 265 -15.31 -1.34 -5.56
CA LEU A 265 -15.78 -0.74 -6.80
C LEU A 265 -16.91 -1.56 -7.45
N GLU A 266 -16.83 -2.89 -7.36
CA GLU A 266 -17.89 -3.73 -7.92
C GLU A 266 -19.18 -3.48 -7.15
N ALA A 267 -19.06 -3.52 -5.81
CA ALA A 267 -20.21 -3.32 -4.93
C ALA A 267 -20.84 -1.97 -5.21
N ALA A 268 -19.98 -0.97 -5.41
CA ALA A 268 -20.42 0.41 -5.69
C ALA A 268 -21.34 0.42 -6.91
N GLU A 269 -21.06 -0.46 -7.84
CA GLU A 269 -21.85 -0.53 -9.05
C GLU A 269 -23.15 -1.30 -8.91
N ARG A 270 -23.28 -2.13 -7.87
CA ARG A 270 -24.48 -2.93 -7.71
C ARG A 270 -25.45 -2.50 -6.62
N VAL A 271 -25.35 -1.26 -6.12
CA VAL A 271 -26.28 -0.79 -5.10
C VAL A 271 -26.92 0.48 -5.59
N LYS A 272 -28.02 0.87 -4.94
CA LYS A 272 -28.78 2.07 -5.29
C LYS A 272 -28.04 3.32 -4.81
N ALA A 273 -27.54 3.25 -3.58
CA ALA A 273 -26.80 4.35 -2.98
C ALA A 273 -25.54 4.77 -3.76
N SER A 274 -25.18 6.03 -3.61
CA SER A 274 -23.99 6.65 -4.22
C SER A 274 -22.84 6.38 -3.25
N VAL A 275 -21.95 5.45 -3.62
CA VAL A 275 -20.83 5.06 -2.76
C VAL A 275 -19.50 5.67 -3.14
N GLU A 276 -18.88 6.35 -2.18
CA GLU A 276 -17.57 6.96 -2.43
C GLU A 276 -16.49 6.00 -1.95
N VAL A 277 -15.71 5.49 -2.89
CA VAL A 277 -14.67 4.54 -2.53
C VAL A 277 -13.35 5.30 -2.33
N VAL A 278 -12.80 5.20 -1.13
CA VAL A 278 -11.53 5.84 -0.80
C VAL A 278 -10.44 4.77 -0.67
N ASP A 279 -9.43 4.86 -1.54
CA ASP A 279 -8.30 3.94 -1.55
C ASP A 279 -7.17 4.62 -0.76
N LEU A 280 -6.88 4.13 0.45
CA LEU A 280 -5.86 4.72 1.30
C LEU A 280 -4.48 4.86 0.68
N GLN A 281 -4.05 3.84 -0.07
CA GLN A 281 -2.75 3.81 -0.73
C GLN A 281 -1.61 3.71 0.28
N THR A 282 -1.49 4.72 1.15
CA THR A 282 -0.46 4.72 2.21
C THR A 282 -1.22 4.32 3.48
N LEU A 283 -0.76 3.25 4.12
CA LEU A 283 -1.41 2.75 5.32
C LEU A 283 -0.84 3.45 6.56
N ASN A 284 0.40 3.89 6.48
CA ASN A 284 1.07 4.60 7.57
C ASN A 284 2.12 5.52 6.92
N PRO A 285 1.98 6.84 7.10
CA PRO A 285 0.94 7.55 7.86
C PRO A 285 -0.38 7.67 7.10
N LEU A 286 -1.45 7.33 7.79
CA LEU A 286 -2.80 7.37 7.25
C LEU A 286 -3.23 8.80 6.83
N ASP A 287 -3.86 8.93 5.67
CA ASP A 287 -4.34 10.24 5.21
C ASP A 287 -5.72 10.45 5.86
N PHE A 288 -5.71 10.89 7.11
CA PHE A 288 -6.99 11.11 7.80
C PHE A 288 -7.82 12.27 7.22
N ASP A 289 -7.17 13.29 6.69
CA ASP A 289 -7.92 14.43 6.14
C ASP A 289 -8.89 13.99 5.04
N THR A 290 -8.41 13.14 4.16
CA THR A 290 -9.23 12.68 3.06
C THR A 290 -10.41 11.85 3.55
N VAL A 291 -10.13 11.01 4.55
CA VAL A 291 -11.16 10.19 5.13
C VAL A 291 -12.19 11.10 5.83
N LEU A 292 -11.72 12.09 6.57
CA LEU A 292 -12.62 13.00 7.28
C LEU A 292 -13.46 13.78 6.27
N LYS A 293 -12.83 14.20 5.19
CA LYS A 293 -13.57 14.96 4.22
C LYS A 293 -14.71 14.13 3.63
N SER A 294 -14.42 12.86 3.33
CA SER A 294 -15.44 11.99 2.75
C SER A 294 -16.57 11.70 3.73
N VAL A 295 -16.22 11.41 4.98
CA VAL A 295 -17.22 11.12 6.00
C VAL A 295 -18.06 12.35 6.38
N SER A 296 -17.48 13.55 6.31
CA SER A 296 -18.24 14.75 6.62
C SER A 296 -19.35 14.91 5.60
N LYS A 297 -19.06 14.50 4.37
CA LYS A 297 -20.05 14.57 3.29
C LYS A 297 -21.12 13.46 3.39
N THR A 298 -20.67 12.21 3.52
CA THR A 298 -21.59 11.07 3.54
C THR A 298 -22.29 10.78 4.85
N GLY A 299 -21.58 10.93 5.97
CA GLY A 299 -22.14 10.61 7.28
C GLY A 299 -22.19 9.09 7.51
N ARG A 300 -21.70 8.29 6.58
CA ARG A 300 -21.71 6.83 6.78
C ARG A 300 -20.38 6.26 6.39
N LEU A 301 -19.85 5.40 7.25
CA LEU A 301 -18.54 4.83 7.02
C LEU A 301 -18.44 3.32 7.14
N ILE A 302 -17.85 2.73 6.11
CA ILE A 302 -17.56 1.30 6.04
C ILE A 302 -16.06 1.25 5.76
N ILE A 303 -15.34 0.41 6.49
CA ILE A 303 -13.88 0.24 6.31
C ILE A 303 -13.61 -1.21 5.94
N ALA A 304 -12.96 -1.48 4.80
CA ALA A 304 -12.75 -2.88 4.42
C ALA A 304 -11.34 -3.23 4.00
N HIS A 305 -10.78 -4.28 4.58
CA HIS A 305 -9.44 -4.71 4.24
C HIS A 305 -9.33 -6.24 4.35
N ASP A 306 -8.42 -6.88 3.62
CA ASP A 306 -8.37 -8.33 3.73
C ASP A 306 -7.48 -8.88 4.84
N SER A 307 -6.62 -8.04 5.41
CA SER A 307 -5.77 -8.47 6.53
C SER A 307 -6.64 -8.71 7.77
N PRO A 308 -6.09 -9.39 8.80
CA PRO A 308 -6.81 -9.69 10.06
C PRO A 308 -7.59 -8.49 10.58
N LYS A 309 -8.86 -8.68 10.89
CA LYS A 309 -9.65 -7.57 11.40
C LYS A 309 -9.26 -7.11 12.80
N THR A 310 -9.11 -8.07 13.71
CA THR A 310 -8.80 -7.70 15.07
C THR A 310 -7.48 -7.01 15.28
N GLY A 311 -7.54 -5.79 15.79
CA GLY A 311 -6.33 -5.02 16.02
C GLY A 311 -5.75 -4.48 14.73
N GLY A 312 -6.43 -4.72 13.60
CA GLY A 312 -5.95 -4.26 12.31
C GLY A 312 -6.00 -2.75 12.08
N LEU A 313 -5.63 -2.32 10.88
CA LEU A 313 -5.66 -0.88 10.56
C LEU A 313 -7.11 -0.37 10.71
N GLY A 314 -8.06 -1.19 10.27
CA GLY A 314 -9.48 -0.82 10.35
C GLY A 314 -9.94 -0.41 11.76
N ALA A 315 -9.38 -1.06 12.78
CA ALA A 315 -9.74 -0.74 14.14
C ALA A 315 -9.29 0.70 14.46
N GLU A 316 -8.07 1.06 14.06
CA GLU A 316 -7.57 2.42 14.32
C GLU A 316 -8.39 3.47 13.61
N VAL A 317 -8.70 3.23 12.34
CA VAL A 317 -9.50 4.18 11.56
C VAL A 317 -10.85 4.43 12.22
N ARG A 318 -11.54 3.33 12.55
CA ARG A 318 -12.85 3.44 13.21
C ARG A 318 -12.71 4.21 14.53
N ALA A 319 -11.65 3.89 15.31
CA ALA A 319 -11.46 4.54 16.59
C ALA A 319 -11.22 6.05 16.43
N LEU A 320 -10.40 6.42 15.45
CA LEU A 320 -10.10 7.82 15.16
C LEU A 320 -11.40 8.52 14.73
N VAL A 321 -12.22 7.85 13.92
CA VAL A 321 -13.47 8.47 13.50
C VAL A 321 -14.45 8.60 14.68
N ALA A 322 -14.51 7.59 15.56
CA ALA A 322 -15.40 7.62 16.74
C ALA A 322 -15.05 8.73 17.75
N GLU A 323 -13.80 9.17 17.73
CA GLU A 323 -13.42 10.25 18.65
C GLU A 323 -13.46 11.64 17.97
N LYS A 324 -12.85 11.71 16.79
CA LYS A 324 -12.70 12.95 16.07
C LYS A 324 -13.84 13.37 15.17
N ALA A 325 -14.67 12.42 14.77
CA ALA A 325 -15.72 12.78 13.84
C ALA A 325 -17.08 12.15 14.10
N LEU A 326 -17.39 11.79 15.34
CA LEU A 326 -18.67 11.16 15.63
C LEU A 326 -19.84 12.09 15.28
N ASP A 327 -19.60 13.39 15.36
CA ASP A 327 -20.63 14.36 15.07
C ASP A 327 -21.07 14.33 13.63
N ARG A 328 -20.27 13.74 12.75
CA ARG A 328 -20.66 13.70 11.33
C ARG A 328 -21.38 12.42 10.88
N LEU A 329 -21.41 11.44 11.76
CA LEU A 329 -22.01 10.14 11.45
C LEU A 329 -23.52 10.07 11.68
N THR A 330 -24.22 9.43 10.76
CA THR A 330 -25.65 9.22 10.96
C THR A 330 -25.82 7.70 11.07
N ALA A 331 -24.74 6.94 10.88
CA ALA A 331 -24.82 5.48 10.91
C ALA A 331 -23.67 4.81 11.66
N PRO A 332 -23.86 3.53 12.04
CA PRO A 332 -22.79 2.80 12.75
C PRO A 332 -21.55 2.64 11.84
N VAL A 333 -20.36 2.68 12.42
CA VAL A 333 -19.15 2.51 11.61
C VAL A 333 -18.91 1.02 11.38
N ILE A 334 -18.90 0.57 10.13
CA ILE A 334 -18.72 -0.86 9.86
C ILE A 334 -17.32 -1.26 9.42
N ARG A 335 -16.79 -2.33 10.01
CA ARG A 335 -15.50 -2.86 9.59
C ARG A 335 -15.77 -4.24 8.96
N LEU A 336 -15.26 -4.46 7.74
CA LEU A 336 -15.37 -5.75 7.08
C LEU A 336 -13.92 -6.14 6.81
N ALA A 337 -13.41 -7.15 7.51
CA ALA A 337 -12.03 -7.53 7.30
C ALA A 337 -11.76 -9.03 7.37
N GLY A 338 -10.49 -9.40 7.30
CA GLY A 338 -10.13 -10.81 7.28
C GLY A 338 -10.19 -11.59 8.56
N PRO A 339 -10.20 -12.92 8.43
CA PRO A 339 -10.25 -13.80 9.60
C PRO A 339 -8.95 -13.54 10.39
N ASP A 340 -8.97 -13.64 11.70
CA ASP A 340 -7.76 -13.39 12.44
C ASP A 340 -6.74 -14.51 12.27
N VAL A 341 -7.15 -15.59 11.63
CA VAL A 341 -6.29 -16.74 11.40
C VAL A 341 -6.91 -17.49 10.20
N PRO A 354 -13.33 -9.78 3.19
CA PRO A 354 -14.66 -9.22 2.84
C PRO A 354 -14.98 -9.45 1.36
N THR A 355 -16.18 -9.97 1.08
CA THR A 355 -16.61 -10.23 -0.30
C THR A 355 -17.44 -9.08 -0.83
N VAL A 356 -17.68 -9.09 -2.14
CA VAL A 356 -18.49 -8.05 -2.76
C VAL A 356 -19.89 -8.05 -2.12
N GLU A 357 -20.44 -9.24 -1.90
CA GLU A 357 -21.77 -9.38 -1.30
C GLU A 357 -21.83 -8.85 0.14
N ARG A 358 -20.77 -9.07 0.89
CA ARG A 358 -20.74 -8.63 2.28
C ARG A 358 -20.70 -7.10 2.34
N ILE A 359 -20.00 -6.51 1.37
CA ILE A 359 -19.85 -5.06 1.27
C ILE A 359 -21.18 -4.51 0.88
N ILE A 360 -21.86 -5.19 -0.05
CA ILE A 360 -23.18 -4.72 -0.50
C ILE A 360 -24.15 -4.72 0.69
N LYS A 361 -24.15 -5.81 1.45
CA LYS A 361 -25.04 -5.90 2.61
C LYS A 361 -24.75 -4.79 3.60
N ALA A 362 -23.47 -4.46 3.73
CA ALA A 362 -23.06 -3.42 4.67
C ALA A 362 -23.54 -2.03 4.21
N ILE A 363 -23.46 -1.78 2.90
CA ILE A 363 -23.93 -0.51 2.36
C ILE A 363 -25.43 -0.42 2.62
N GLU A 364 -26.14 -1.50 2.31
CA GLU A 364 -27.58 -1.51 2.53
C GLU A 364 -27.88 -1.25 4.00
N TYR A 365 -27.08 -1.84 4.88
CA TYR A 365 -27.32 -1.63 6.29
C TYR A 365 -27.17 -0.16 6.74
N VAL A 366 -26.05 0.48 6.38
CA VAL A 366 -25.85 1.87 6.82
C VAL A 366 -26.83 2.80 6.12
N MET A 367 -27.27 2.43 4.93
CA MET A 367 -28.22 3.30 4.24
C MET A 367 -29.56 3.36 5.01
N ARG A 368 -29.76 2.45 5.96
CA ARG A 368 -30.99 2.46 6.76
C ARG A 368 -30.96 3.66 7.71
N TYR A 369 -29.75 4.14 8.01
CA TYR A 369 -29.54 5.30 8.87
C TYR A 369 -29.27 6.46 7.91
#